data_1D0T
#
_entry.id   1D0T
#
_cell.length_a   1.000
_cell.length_b   1.000
_cell.length_c   1.000
_cell.angle_alpha   90.00
_cell.angle_beta   90.00
_cell.angle_gamma   90.00
#
_symmetry.space_group_name_H-M   'P 1'
#
_entity_poly.entity_id   1
_entity_poly.type   'polyribonucleotide'
_entity_poly.pdbx_seq_one_letter_code
;GGG(SRA)UC(SRA)CC(SRA)UU(SRA)GGG(SRA)UCUC
;
_entity_poly.pdbx_strand_id   A
#
loop_
_chem_comp.id
_chem_comp.type
_chem_comp.name
_chem_comp.formula
C RNA linking CYTIDINE-5'-MONOPHOSPHATE 'C9 H14 N3 O8 P'
G RNA linking GUANOSINE-5'-MONOPHOSPHATE 'C10 H14 N5 O8 P'
SRA RNA linking 'ADENOSINE -5'-THIO-MONOPHOSPHATE' 'C10 H14 N5 O6 P S'
U RNA linking URIDINE-5'-MONOPHOSPHATE 'C9 H13 N2 O9 P'
#
# COMPACT_ATOMS: atom_id res chain seq x y z
P SRA A 4 -4.48 8.33 5.63
OP1 SRA A 4 -4.90 8.04 7.09
S2P SRA A 4 -2.57 7.75 4.89
O5' SRA A 4 -5.60 7.70 4.65
C5' SRA A 4 -6.99 7.86 4.94
C4' SRA A 4 -7.86 7.52 3.73
O4' SRA A 4 -7.47 8.26 2.58
C3' SRA A 4 -7.70 6.06 3.33
O3' SRA A 4 -8.56 5.20 4.08
C2' SRA A 4 -8.07 6.10 1.86
C1' SRA A 4 -7.55 7.45 1.39
N9 SRA A 4 -6.25 7.32 0.74
C8 SRA A 4 -5.00 7.49 1.24
N7 SRA A 4 -4.01 7.30 0.43
C5 SRA A 4 -4.67 6.97 -0.76
C6 SRA A 4 -4.20 6.64 -2.04
N6 SRA A 4 -2.91 6.60 -2.35
N1 SRA A 4 -5.13 6.36 -2.97
C2 SRA A 4 -6.42 6.40 -2.68
N3 SRA A 4 -6.97 6.69 -1.51
C4 SRA A 4 -6.03 6.97 -0.58
O2' SRA A 4 -9.49 5.99 1.69
H5' SRA A 4 -7.17 8.90 5.23
H5'' SRA A 4 -7.26 7.20 5.77
H4' SRA A 4 -8.90 7.73 3.97
H3' SRA A 4 -6.65 5.76 3.44
H2' SRA A 4 -7.57 5.30 1.32
H1' SRA A 4 -8.27 7.90 0.71
H8 SRA A 4 -4.84 7.77 2.28
HN61 SRA A 4 -2.63 6.36 -3.30
HN62 SRA A 4 -2.21 6.81 -1.66
H2 SRA A 4 -7.12 6.17 -3.49
HO2' SRA A 4 -9.71 6.40 0.84
P SRA A 7 -8.14 -5.78 -0.63
OP1 SRA A 7 -9.05 -7.03 -0.78
S2P SRA A 7 -8.23 -4.56 1.11
O5' SRA A 7 -6.62 -6.23 -0.85
C5' SRA A 7 -6.24 -6.90 -2.06
C4' SRA A 7 -4.73 -6.87 -2.29
O4' SRA A 7 -4.17 -5.58 -2.01
C3' SRA A 7 -4.00 -7.83 -1.36
O3' SRA A 7 -2.83 -8.36 -2.00
C2' SRA A 7 -3.66 -6.97 -0.16
C1' SRA A 7 -3.44 -5.59 -0.77
N9 SRA A 7 -3.93 -4.53 0.12
C8 SRA A 7 -5.13 -4.40 0.73
N7 SRA A 7 -5.31 -3.36 1.48
C5 SRA A 7 -4.08 -2.71 1.36
C6 SRA A 7 -3.58 -1.52 1.90
N6 SRA A 7 -4.30 -0.73 2.72
N1 SRA A 7 -2.33 -1.17 1.58
C2 SRA A 7 -1.60 -1.93 0.77
N3 SRA A 7 -1.97 -3.08 0.19
C4 SRA A 7 -3.23 -3.41 0.54
O2' SRA A 7 -2.47 -7.44 0.50
H5' SRA A 7 -6.73 -6.41 -2.91
H5'' SRA A 7 -6.57 -7.93 -2.01
H4' SRA A 7 -4.52 -7.14 -3.32
H3' SRA A 7 -4.67 -8.64 -1.05
H2' SRA A 7 -4.50 -6.94 0.53
H1' SRA A 7 -2.38 -5.45 -0.97
H8 SRA A 7 -5.90 -5.15 0.61
HN61 SRA A 7 -3.89 0.11 3.08
HN62 SRA A 7 -5.24 -0.99 2.97
H2 SRA A 7 -0.59 -1.58 0.55
HO2' SRA A 7 -1.78 -7.47 -0.16
P SRA A 10 6.52 -9.44 -1.19
OP1 SRA A 10 7.78 -10.34 -1.28
S2P SRA A 10 4.64 -10.25 -0.59
O5' SRA A 10 6.86 -8.20 -0.23
C5' SRA A 10 7.99 -7.36 -0.48
C4' SRA A 10 7.81 -5.97 0.14
O4' SRA A 10 6.68 -5.30 -0.42
C3' SRA A 10 7.52 -6.07 1.63
O3' SRA A 10 8.75 -6.12 2.38
C2' SRA A 10 6.74 -4.79 1.88
C1' SRA A 10 5.94 -4.62 0.60
N9 SRA A 10 4.59 -5.20 0.75
C8 SRA A 10 4.10 -6.40 0.35
N7 SRA A 10 2.86 -6.66 0.58
C5 SRA A 10 2.45 -5.49 1.22
C6 SRA A 10 1.22 -5.07 1.73
N6 SRA A 10 0.12 -5.82 1.70
N1 SRA A 10 1.16 -3.85 2.29
C2 SRA A 10 2.25 -3.08 2.34
N3 SRA A 10 3.46 -3.36 1.88
C4 SRA A 10 3.49 -4.59 1.32
O2' SRA A 10 7.62 -3.67 2.10
H5' SRA A 10 8.13 -7.26 -1.55
H5'' SRA A 10 8.88 -7.83 -0.04
H4' SRA A 10 8.70 -5.37 -0.04
H3' SRA A 10 6.90 -6.94 1.84
H2' SRA A 10 6.07 -4.93 2.74
H1' SRA A 10 5.86 -3.57 0.35
H8 SRA A 10 4.75 -7.13 -0.15
HN61 SRA A 10 -0.74 -5.47 2.08
HN62 SRA A 10 0.15 -6.74 1.26
H2 SRA A 10 2.12 -2.10 2.81
HO2' SRA A 10 8.00 -3.45 1.25
P SRA A 13 7.58 2.65 12.01
OP1 SRA A 13 9.08 2.27 11.88
S2P SRA A 13 6.67 2.97 13.89
O5' SRA A 13 7.34 3.96 11.11
C5' SRA A 13 6.81 3.86 9.77
C4' SRA A 13 7.87 3.37 8.78
O4' SRA A 13 7.81 1.95 8.64
C3' SRA A 13 7.61 3.95 7.39
O3' SRA A 13 8.46 5.08 7.16
C2' SRA A 13 7.93 2.82 6.44
C1' SRA A 13 7.74 1.55 7.26
N9 SRA A 13 6.45 0.92 6.96
C8 SRA A 13 5.28 0.99 7.63
N7 SRA A 13 4.28 0.32 7.16
C5 SRA A 13 4.84 -0.28 6.03
C6 SRA A 13 4.33 -1.14 5.06
N6 SRA A 13 3.08 -1.57 5.07
N1 SRA A 13 5.16 -1.54 4.08
C2 SRA A 13 6.43 -1.12 4.06
N3 SRA A 13 7.03 -0.31 4.93
C4 SRA A 13 6.16 0.08 5.90
O2' SRA A 13 9.28 2.92 5.95
H5' SRA A 13 6.45 4.84 9.47
H5'' SRA A 13 5.97 3.17 9.78
H4' SRA A 13 8.85 3.66 9.13
H3' SRA A 13 6.56 4.23 7.29
H2' SRA A 13 7.23 2.83 5.60
H1' SRA A 13 8.56 0.85 7.05
H8 SRA A 13 5.18 1.59 8.53
HN61 SRA A 13 2.75 -2.19 4.34
HN62 SRA A 13 2.44 -1.28 5.80
H2 SRA A 13 7.05 -1.49 3.24
HO2' SRA A 13 9.25 3.47 5.16
P SRA A 17 2.39 4.58 -10.58
OP1 SRA A 17 2.75 4.96 -12.04
S2P SRA A 17 2.46 6.00 -9.01
O5' SRA A 17 0.92 3.92 -10.60
C5' SRA A 17 0.57 2.94 -11.58
C4' SRA A 17 -0.70 2.18 -11.19
O4' SRA A 17 -0.57 1.59 -9.90
C3' SRA A 17 -1.89 3.12 -11.08
O3' SRA A 17 -2.52 3.32 -12.35
C2' SRA A 17 -2.79 2.37 -10.12
C1' SRA A 17 -1.81 1.68 -9.18
N9 SRA A 17 -1.65 2.46 -7.94
C8 SRA A 17 -0.73 3.40 -7.61
N7 SRA A 17 -0.81 3.93 -6.44
C5 SRA A 17 -1.92 3.28 -5.90
C6 SRA A 17 -2.57 3.37 -4.67
N6 SRA A 17 -2.17 4.19 -3.70
N1 SRA A 17 -3.63 2.57 -4.47
C2 SRA A 17 -4.04 1.74 -5.43
N3 SRA A 17 -3.50 1.58 -6.63
C4 SRA A 17 -2.43 2.38 -6.80
O2' SRA A 17 -3.61 1.41 -10.81
H5' SRA A 17 1.39 2.23 -11.68
H5'' SRA A 17 0.40 3.44 -12.54
H4' SRA A 17 -0.90 1.41 -11.93
H3' SRA A 17 -1.59 4.07 -10.63
H2' SRA A 17 -3.42 3.07 -9.56
H1' SRA A 17 -2.17 0.69 -8.94
H8 SRA A 17 0.04 3.69 -8.32
HN61 SRA A 17 -2.68 4.22 -2.83
HN62 SRA A 17 -1.37 4.79 -3.84
H2 SRA A 17 -4.91 1.13 -5.19
HO2' SRA A 17 -4.16 0.97 -10.15
P SRA A 4 -6.68 12.60 4.30
OP1 SRA A 4 -6.53 12.86 5.82
S2P SRA A 4 -5.05 11.95 3.12
O5' SRA A 4 -7.89 11.55 4.10
C5' SRA A 4 -7.63 10.18 3.80
C4' SRA A 4 -8.56 9.66 2.71
O4' SRA A 4 -8.36 10.36 1.48
C3' SRA A 4 -8.26 8.20 2.39
O3' SRA A 4 -8.98 7.33 3.27
C2' SRA A 4 -8.74 8.09 0.96
C1' SRA A 4 -8.40 9.45 0.37
N9 SRA A 4 -7.10 9.42 -0.33
C8 SRA A 4 -5.97 10.12 -0.09
N7 SRA A 4 -4.95 9.90 -0.86
C5 SRA A 4 -5.46 8.92 -1.72
C6 SRA A 4 -4.90 8.24 -2.80
N6 SRA A 4 -3.65 8.41 -3.22
N1 SRA A 4 -5.68 7.34 -3.44
C2 SRA A 4 -6.94 7.15 -3.04
N3 SRA A 4 -7.57 7.74 -2.04
C4 SRA A 4 -6.77 8.63 -1.42
O2' SRA A 4 -10.15 7.83 0.88
H5' SRA A 4 -7.77 9.59 4.71
H5'' SRA A 4 -6.59 10.08 3.47
H4' SRA A 4 -9.60 9.77 3.03
H3' SRA A 4 -7.19 8.01 2.44
H2' SRA A 4 -8.17 7.30 0.44
H1' SRA A 4 -9.18 9.76 -0.32
H8 SRA A 4 -5.91 10.85 0.72
HN61 SRA A 4 -3.29 7.89 -4.00
HN62 SRA A 4 -3.06 9.08 -2.74
H2 SRA A 4 -7.52 6.41 -3.60
HO2' SRA A 4 -10.52 8.03 1.74
P SRA A 7 -9.19 -4.42 -1.03
OP1 SRA A 7 -10.29 -5.49 -1.21
S2P SRA A 7 -8.93 -3.39 0.81
O5' SRA A 7 -7.78 -5.10 -1.43
C5' SRA A 7 -7.58 -5.62 -2.75
C4' SRA A 7 -6.11 -5.84 -3.07
O4' SRA A 7 -5.30 -4.72 -2.71
C3' SRA A 7 -5.54 -7.02 -2.29
O3' SRA A 7 -4.52 -7.68 -3.05
C2' SRA A 7 -4.99 -6.36 -1.03
C1' SRA A 7 -4.55 -4.99 -1.52
N9 SRA A 7 -4.80 -3.95 -0.50
C8 SRA A 7 -5.93 -3.70 0.20
N7 SRA A 7 -5.91 -2.71 1.04
C5 SRA A 7 -4.61 -2.25 0.90
C6 SRA A 7 -3.89 -1.21 1.51
N6 SRA A 7 -4.43 -0.40 2.42
N1 SRA A 7 -2.62 -1.03 1.13
C2 SRA A 7 -2.07 -1.82 0.21
N3 SRA A 7 -2.64 -2.84 -0.43
C4 SRA A 7 -3.92 -3.00 -0.04
O2' SRA A 7 -3.89 -7.10 -0.50
H5' SRA A 7 -7.99 -4.90 -3.48
H5'' SRA A 7 -8.12 -6.56 -2.85
H4' SRA A 7 -6.00 -6.03 -4.14
H3' SRA A 7 -6.34 -7.72 -2.02
H2' SRA A 7 -5.78 -6.26 -0.29
H1' SRA A 7 -3.48 -5.01 -1.75
H8 SRA A 7 -6.83 -4.30 0.06
HN61 SRA A 7 -3.87 0.34 2.83
HN62 SRA A 7 -5.39 -0.53 2.71
H2 SRA A 7 -1.03 -1.60 -0.05
HO2' SRA A 7 -3.18 -7.08 -1.15
P SRA A 10 3.67 -10.88 -2.18
OP1 SRA A 10 4.69 -12.05 -2.15
S2P SRA A 10 1.59 -11.24 -2.19
O5' SRA A 10 3.99 -9.90 -0.95
C5' SRA A 10 5.35 -9.60 -0.58
C4' SRA A 10 5.47 -8.22 0.04
O4' SRA A 10 4.69 -7.24 -0.66
C3' SRA A 10 4.93 -8.20 1.47
O3' SRA A 10 5.93 -8.59 2.41
C2' SRA A 10 4.53 -6.74 1.64
C1' SRA A 10 4.06 -6.34 0.26
N9 SRA A 10 2.58 -6.43 0.16
C8 SRA A 10 1.81 -7.33 -0.50
N7 SRA A 10 0.53 -7.19 -0.43
C5 SRA A 10 0.42 -6.05 0.39
C6 SRA A 10 -0.68 -5.34 0.86
N6 SRA A 10 -1.93 -5.67 0.60
N1 SRA A 10 -0.43 -4.27 1.64
C2 SRA A 10 0.83 -3.92 1.92
N3 SRA A 10 1.94 -4.52 1.52
C4 SRA A 10 1.67 -5.59 0.74
O2' SRA A 10 5.64 -5.95 2.06
H5' SRA A 10 5.97 -9.65 -1.47
H5'' SRA A 10 5.69 -10.36 0.14
H4' SRA A 10 6.51 -7.91 0.04
H3' SRA A 10 4.05 -8.84 1.54
H2' SRA A 10 3.71 -6.67 2.36
H1' SRA A 10 4.37 -5.33 0.05
H8 SRA A 10 2.26 -8.15 -1.08
HN61 SRA A 10 -2.70 -5.12 0.98
HN62 SRA A 10 -2.13 -6.47 0.02
H2 SRA A 10 0.96 -3.04 2.56
HO2' SRA A 10 5.31 -5.07 2.27
P SRA A 13 4.52 0.09 11.85
OP1 SRA A 13 4.29 -0.37 13.30
S2P SRA A 13 4.22 2.10 11.26
O5' SRA A 13 6.03 -0.33 11.44
C5' SRA A 13 6.82 0.52 10.61
C4' SRA A 13 7.34 -0.22 9.38
O4' SRA A 13 6.49 -1.32 9.01
C3' SRA A 13 7.36 0.68 8.15
O3' SRA A 13 8.63 1.35 8.04
C2' SRA A 13 7.12 -0.26 6.98
C1' SRA A 13 6.36 -1.43 7.59
N9 SRA A 13 4.94 -1.41 7.18
C8 SRA A 13 3.86 -0.86 7.81
N7 SRA A 13 2.72 -0.98 7.24
C5 SRA A 13 3.05 -1.70 6.09
C6 SRA A 13 2.28 -2.18 5.02
N6 SRA A 13 0.97 -2.01 4.92
N1 SRA A 13 2.94 -2.85 4.05
C2 SRA A 13 4.26 -3.05 4.12
N3 SRA A 13 5.07 -2.63 5.09
C4 SRA A 13 4.40 -1.97 6.04
O2' SRA A 13 8.35 -0.70 6.40
H5' SRA A 13 7.67 0.87 11.18
H5'' SRA A 13 6.23 1.37 10.28
H4' SRA A 13 8.35 -0.60 9.56
H3' SRA A 13 6.55 1.41 8.22
H2' SRA A 13 6.50 0.24 6.23
H1' SRA A 13 6.81 -2.36 7.27
H8 SRA A 13 3.97 -0.34 8.77
HN61 SRA A 13 0.47 -2.38 4.14
HN62 SRA A 13 0.48 -1.51 5.66
H2 SRA A 13 4.71 -3.59 3.30
HO2' SRA A 13 8.49 -0.16 5.61
P SRA A 17 3.30 4.08 -10.71
OP1 SRA A 17 4.09 4.69 -11.89
S2P SRA A 17 2.48 5.31 -9.18
O5' SRA A 17 2.10 3.20 -11.33
C5' SRA A 17 0.77 3.70 -11.39
C4' SRA A 17 -0.25 2.69 -10.86
O4' SRA A 17 0.10 2.23 -9.55
C3' SRA A 17 -1.63 3.31 -10.70
O3' SRA A 17 -2.37 3.23 -11.93
C2' SRA A 17 -2.25 2.46 -9.62
C1' SRA A 17 -1.06 2.12 -8.73
N9 SRA A 17 -0.98 3.03 -7.57
C8 SRA A 17 -0.02 3.93 -7.24
N7 SRA A 17 -0.19 4.60 -6.14
C5 SRA A 17 -1.41 4.09 -5.68
C6 SRA A 17 -2.19 4.39 -4.55
N6 SRA A 17 -1.82 5.28 -3.64
N1 SRA A 17 -3.34 3.71 -4.41
C2 SRA A 17 -3.71 2.80 -5.32
N3 SRA A 17 -3.05 2.45 -6.41
C4 SRA A 17 -1.90 3.15 -6.54
O2' SRA A 17 -2.86 1.28 -10.16
H5' SRA A 17 0.51 3.94 -12.43
H5'' SRA A 17 0.70 4.62 -10.79
H4' SRA A 17 -0.31 1.84 -11.54
H3' SRA A 17 -1.54 4.35 -10.37
H2' SRA A 17 -2.99 3.05 -9.05
H1' SRA A 17 -1.16 1.09 -8.37
H8 SRA A 17 0.85 4.06 -7.86
HN61 SRA A 17 -2.42 5.45 -2.84
HN62 SRA A 17 -0.96 5.79 -3.73
H2 SRA A 17 -4.65 2.30 -5.13
HO2' SRA A 17 -2.19 0.84 -10.69
P SRA A 4 -4.60 8.46 5.39
OP1 SRA A 4 -5.05 8.27 6.86
S2P SRA A 4 -2.74 7.72 4.68
O5' SRA A 4 -5.76 7.88 4.44
C5' SRA A 4 -7.15 8.07 4.77
C4' SRA A 4 -8.06 7.65 3.62
O4' SRA A 4 -7.75 8.38 2.42
C3' SRA A 4 -7.86 6.20 3.26
O3' SRA A 4 -8.69 5.34 4.06
C2' SRA A 4 -8.28 6.16 1.79
C1' SRA A 4 -7.80 7.51 1.28
N9 SRA A 4 -6.47 7.39 0.65
C8 SRA A 4 -5.23 7.57 1.18
N7 SRA A 4 -4.22 7.40 0.41
C5 SRA A 4 -4.84 7.05 -0.80
C6 SRA A 4 -4.35 6.73 -2.07
N6 SRA A 4 -3.04 6.70 -2.35
N1 SRA A 4 -5.24 6.44 -3.03
C2 SRA A 4 -6.54 6.47 -2.77
N3 SRA A 4 -7.13 6.77 -1.61
C4 SRA A 4 -6.21 7.05 -0.66
O2' SRA A 4 -9.69 6.02 1.66
H5' SRA A 4 -7.31 9.13 4.98
H5'' SRA A 4 -7.39 7.49 5.65
H4' SRA A 4 -9.10 7.84 3.89
H3' SRA A 4 -6.81 5.92 3.35
H2' SRA A 4 -7.75 5.36 1.28
H1' SRA A 4 -8.51 7.90 0.55
H8 SRA A 4 -5.11 7.84 2.23
HN61 SRA A 4 -2.74 6.45 -3.28
HN62 SRA A 4 -2.37 6.90 -1.64
H2 SRA A 4 -7.22 6.23 -3.59
HO2' SRA A 4 -9.85 5.26 1.09
P SRA A 7 -7.92 -5.87 -0.29
OP1 SRA A 7 -8.75 -7.17 -0.41
S2P SRA A 7 -7.96 -4.68 1.46
O5' SRA A 7 -6.38 -6.25 -0.60
C5' SRA A 7 -6.03 -6.94 -1.80
C4' SRA A 7 -4.53 -6.86 -2.10
O4' SRA A 7 -4.00 -5.55 -1.88
C3' SRA A 7 -3.72 -7.78 -1.18
O3' SRA A 7 -2.58 -8.28 -1.86
C2' SRA A 7 -3.36 -6.88 -0.02
C1' SRA A 7 -3.22 -5.51 -0.67
N9 SRA A 7 -3.69 -4.44 0.22
C8 SRA A 7 -4.85 -4.34 0.91
N7 SRA A 7 -5.04 -3.29 1.65
C5 SRA A 7 -3.85 -2.59 1.42
C6 SRA A 7 -3.38 -1.36 1.90
N6 SRA A 7 -4.06 -0.59 2.74
N1 SRA A 7 -2.17 -0.97 1.47
C2 SRA A 7 -1.46 -1.72 0.63
N3 SRA A 7 -1.82 -2.90 0.12
C4 SRA A 7 -3.03 -3.28 0.55
O2' SRA A 7 -2.14 -7.28 0.60
H5' SRA A 7 -6.58 -6.49 -2.63
H5'' SRA A 7 -6.32 -7.98 -1.70
H4' SRA A 7 -4.36 -7.15 -3.14
H3' SRA A 7 -4.37 -8.59 -0.83
H2' SRA A 7 -4.17 -6.86 0.71
H1' SRA A 7 -2.17 -5.33 -0.93
H8 SRA A 7 -5.61 -5.13 0.85
HN61 SRA A 7 -3.68 0.28 3.06
HN62 SRA A 7 -4.98 -0.89 3.07
H2 SRA A 7 -0.48 -1.33 0.34
HO2' SRA A 7 -1.54 -7.58 -0.11
P SRA A 10 5.98 -9.73 -0.69
OP1 SRA A 10 7.14 -10.75 -0.58
S2P SRA A 10 3.96 -10.35 -0.46
O5' SRA A 10 6.26 -8.55 0.36
C5' SRA A 10 7.51 -7.86 0.37
C4' SRA A 10 7.38 -6.45 0.92
O4' SRA A 10 6.42 -5.68 0.19
C3' SRA A 10 6.86 -6.47 2.35
O3' SRA A 10 7.95 -6.62 3.28
C2' SRA A 10 6.20 -5.10 2.48
C1' SRA A 10 5.64 -4.87 1.08
N9 SRA A 10 4.21 -5.25 1.01
C8 SRA A 10 3.62 -6.36 0.49
N7 SRA A 10 2.34 -6.44 0.55
C5 SRA A 10 2.01 -5.23 1.20
C6 SRA A 10 0.79 -4.66 1.58
N6 SRA A 10 -0.38 -5.26 1.36
N1 SRA A 10 0.83 -3.47 2.18
C2 SRA A 10 2.00 -2.87 2.40
N3 SRA A 10 3.21 -3.30 2.08
C4 SRA A 10 3.15 -4.51 1.48
O2' SRA A 10 7.14 -4.09 2.83
H5' SRA A 10 7.89 -7.80 -0.66
H5'' SRA A 10 8.23 -8.42 0.97
H4' SRA A 10 8.35 -5.95 0.88
H3' SRA A 10 6.13 -7.26 2.48
H2' SRA A 10 5.38 -5.15 3.21
H1' SRA A 10 5.75 -3.82 0.81
H8 SRA A 10 4.22 -7.16 0.05
HN61 SRA A 10 -1.23 -4.80 1.66
HN62 SRA A 10 -0.42 -6.15 0.90
H2 SRA A 10 1.96 -1.89 2.90
HO2' SRA A 10 6.66 -3.25 2.85
P SRA A 13 6.67 2.94 11.90
OP1 SRA A 13 8.07 2.53 11.38
S2P SRA A 13 6.26 3.04 13.98
O5' SRA A 13 6.28 4.36 11.25
C5' SRA A 13 5.69 4.42 9.94
C4' SRA A 13 6.71 4.16 8.85
O4' SRA A 13 6.91 2.76 8.63
C3' SRA A 13 6.26 4.73 7.51
O3' SRA A 13 6.81 6.04 7.34
C2' SRA A 13 6.78 3.74 6.48
C1' SRA A 13 6.87 2.42 7.24
N9 SRA A 13 5.73 1.55 6.92
C8 SRA A 13 4.49 1.51 7.48
N7 SRA A 13 3.66 0.62 7.04
C5 SRA A 13 4.43 -0.03 6.07
C6 SRA A 13 4.17 -1.10 5.21
N6 SRA A 13 3.00 -1.73 5.18
N1 SRA A 13 5.15 -1.48 4.38
C2 SRA A 13 6.33 -0.86 4.40
N3 SRA A 13 6.69 0.16 5.18
C4 SRA A 13 5.70 0.53 6.00
O2' SRA A 13 8.05 4.14 5.97
H5' SRA A 13 5.26 5.41 9.80
H5'' SRA A 13 4.90 3.68 9.87
H4' SRA A 13 7.67 4.61 9.12
H3' SRA A 13 5.16 4.76 7.48
H2' SRA A 13 6.05 3.64 5.67
H1' SRA A 13 7.80 1.92 6.97
H8 SRA A 13 4.20 2.21 8.27
HN61 SRA A 13 2.85 -2.50 4.54
HN62 SRA A 13 2.25 -1.46 5.81
H2 SRA A 13 7.08 -1.23 3.70
HO2' SRA A 13 8.12 3.82 5.07
P SRA A 17 2.54 4.62 -10.55
OP1 SRA A 17 2.94 5.03 -11.99
S2P SRA A 17 2.72 5.96 -8.92
O5' SRA A 17 1.01 4.09 -10.59
C5' SRA A 17 0.61 3.11 -11.56
C4' SRA A 17 -0.74 2.51 -11.21
O4' SRA A 17 -0.73 1.86 -9.94
C3' SRA A 17 -1.82 3.57 -11.09
O3' SRA A 17 -2.40 3.93 -12.36
C2' SRA A 17 -2.84 2.89 -10.19
C1' SRA A 17 -1.97 2.07 -9.26
N9 SRA A 17 -1.77 2.78 -7.97
C8 SRA A 17 -0.82 3.68 -7.62
N7 SRA A 17 -0.88 4.16 -6.43
C5 SRA A 17 -2.00 3.51 -5.91
C6 SRA A 17 -2.64 3.57 -4.67
N6 SRA A 17 -2.22 4.34 -3.67
N1 SRA A 17 -3.73 2.79 -4.49
C2 SRA A 17 -4.17 2.01 -5.48
N3 SRA A 17 -3.64 1.89 -6.70
C4 SRA A 17 -2.55 2.67 -6.85
O2' SRA A 17 -3.72 2.05 -10.96
H5' SRA A 17 1.36 2.32 -11.60
H5'' SRA A 17 0.55 3.59 -12.54
H4' SRA A 17 -1.03 1.78 -11.98
H3' SRA A 17 -1.42 4.46 -10.58
H2' SRA A 17 -3.41 3.63 -9.64
H1' SRA A 17 -2.45 1.10 -9.07
H8 SRA A 17 -0.04 3.98 -8.31
HN61 SRA A 17 -2.72 4.34 -2.79
HN62 SRA A 17 -1.41 4.92 -3.79
H2 SRA A 17 -5.05 1.41 -5.27
HO2' SRA A 17 -4.61 2.20 -10.62
P SRA A 4 -4.60 7.95 5.84
OP1 SRA A 4 -4.97 7.61 7.31
S2P SRA A 4 -2.67 7.56 5.07
O5' SRA A 4 -5.68 7.24 4.88
C5' SRA A 4 -7.07 7.22 5.24
C4' SRA A 4 -7.96 7.04 4.02
O4' SRA A 4 -7.59 7.93 2.95
C3' SRA A 4 -7.83 5.65 3.43
O3' SRA A 4 -8.69 4.72 4.11
C2' SRA A 4 -8.25 5.87 1.98
C1' SRA A 4 -7.72 7.27 1.69
N9 SRA A 4 -6.43 7.22 0.98
C8 SRA A 4 -5.16 7.38 1.45
N7 SRA A 4 -4.19 7.28 0.61
C5 SRA A 4 -4.88 7.01 -0.58
C6 SRA A 4 -4.45 6.77 -1.89
N6 SRA A 4 -3.17 6.79 -2.25
N1 SRA A 4 -5.39 6.54 -2.82
C2 SRA A 4 -6.68 6.52 -2.48
N3 SRA A 4 -7.20 6.73 -1.28
C4 SRA A 4 -6.24 6.96 -0.37
O2' SRA A 4 -9.67 5.80 1.83
H5' SRA A 4 -7.32 8.16 5.74
H5'' SRA A 4 -7.24 6.39 5.93
H4' SRA A 4 -9.00 7.23 4.29
H3' SRA A 4 -6.78 5.32 3.47
H2' SRA A 4 -7.76 5.15 1.33
H1' SRA A 4 -8.45 7.81 1.07
H8 SRA A 4 -4.98 7.59 2.50
HN61 SRA A 4 -2.90 6.62 -3.21
HN62 SRA A 4 -2.45 6.97 -1.56
H2 SRA A 4 -7.39 6.33 -3.30
HO2' SRA A 4 -9.84 5.74 0.89
P SRA A 7 -8.33 -5.80 -1.50
OP1 SRA A 7 -9.13 -7.09 -1.79
S2P SRA A 7 -8.56 -4.74 0.32
O5' SRA A 7 -6.77 -6.12 -1.70
C5' SRA A 7 -6.30 -6.68 -2.93
C4' SRA A 7 -4.77 -6.65 -3.03
O4' SRA A 7 -4.22 -5.40 -2.59
C3' SRA A 7 -4.12 -7.69 -2.13
O3' SRA A 7 -2.91 -8.18 -2.71
C2' SRA A 7 -3.88 -6.94 -0.84
C1' SRA A 7 -3.62 -5.52 -1.30
N9 SRA A 7 -4.19 -4.53 -0.36
C8 SRA A 7 -5.43 -4.45 0.15
N7 SRA A 7 -5.69 -3.48 0.97
C5 SRA A 7 -4.45 -2.83 1.02
C6 SRA A 7 -4.02 -1.69 1.70
N6 SRA A 7 -4.79 -0.98 2.51
N1 SRA A 7 -2.73 -1.33 1.53
C2 SRA A 7 -1.93 -2.02 0.72
N3 SRA A 7 -2.25 -3.11 0.02
C4 SRA A 7 -3.53 -3.47 0.21
O2' SRA A 7 -2.76 -7.47 -0.12
H5' SRA A 7 -6.71 -6.12 -3.76
H5'' SRA A 7 -6.63 -7.71 -3.00
H4' SRA A 7 -4.47 -6.82 -4.06
H3' SRA A 7 -4.82 -8.52 -1.96
H2' SRA A 7 -4.78 -6.97 -0.21
H1' SRA A 7 -2.54 -5.36 -1.39
H8 SRA A 7 -6.20 -5.18 -0.12
HN61 SRA A 7 -4.43 -0.18 2.99
HN62 SRA A 7 -5.76 -1.25 2.66
H2 SRA A 7 -0.91 -1.66 0.62
HO2' SRA A 7 -3.09 -8.16 0.46
P SRA A 10 6.14 -9.32 0.42
OP1 SRA A 10 7.37 -10.24 0.66
S2P SRA A 10 4.16 -10.02 0.71
O5' SRA A 10 6.34 -7.99 1.30
C5' SRA A 10 7.62 -7.37 1.42
C4' SRA A 10 7.49 -5.88 1.75
O4' SRA A 10 6.53 -5.24 0.90
C3' SRA A 10 6.98 -5.66 3.17
O3' SRA A 10 8.05 -5.65 4.12
C2' SRA A 10 6.30 -4.31 3.06
C1' SRA A 10 5.72 -4.33 1.65
N9 SRA A 10 4.31 -4.75 1.66
C8 SRA A 10 3.76 -5.93 1.27
N7 SRA A 10 2.47 -6.04 1.37
C5 SRA A 10 2.12 -4.80 1.91
C6 SRA A 10 0.89 -4.24 2.28
N6 SRA A 10 -0.27 -4.90 2.15
N1 SRA A 10 0.90 -3.00 2.77
C2 SRA A 10 2.05 -2.33 2.90
N3 SRA A 10 3.26 -2.76 2.59
C4 SRA A 10 3.23 -4.01 2.09
O2' SRA A 10 7.25 -3.24 3.22
H5' SRA A 10 8.16 -7.48 0.49
H5'' SRA A 10 8.18 -7.86 2.22
H4' SRA A 10 8.46 -5.39 1.64
H3' SRA A 10 6.23 -6.43 3.42
H2' SRA A 10 5.50 -4.22 3.80
H1' SRA A 10 5.80 -3.33 1.22
H8 SRA A 10 4.37 -6.74 0.88
HN61 SRA A 10 -1.13 -4.45 2.44
HN62 SRA A 10 -0.29 -5.83 1.78
H2 SRA A 10 1.98 -1.33 3.32
HO2' SRA A 10 6.88 -2.46 2.79
P SRA A 13 5.00 5.59 11.59
OP1 SRA A 13 6.42 5.15 11.17
S2P SRA A 13 4.53 6.00 13.61
O5' SRA A 13 4.60 6.88 10.71
C5' SRA A 13 4.07 6.72 9.38
C4' SRA A 13 5.16 6.34 8.38
O4' SRA A 13 5.44 4.94 8.43
C3' SRA A 13 4.73 6.64 6.95
O3' SRA A 13 5.12 7.95 6.53
C2' SRA A 13 5.43 5.56 6.15
C1' SRA A 13 5.52 4.39 7.11
N9 SRA A 13 4.42 3.43 6.87
C8 SRA A 13 3.13 3.48 7.30
N7 SRA A 13 2.35 2.51 6.97
C5 SRA A 13 3.21 1.71 6.20
C6 SRA A 13 3.02 0.50 5.52
N6 SRA A 13 1.86 -0.15 5.51
N1 SRA A 13 4.08 -0.01 4.87
C2 SRA A 13 5.25 0.62 4.89
N3 SRA A 13 5.55 1.77 5.50
C4 SRA A 13 4.47 2.26 6.14
O2' SRA A 13 6.73 5.99 5.75
H5' SRA A 13 3.62 7.67 9.08
H5'' SRA A 13 3.31 5.94 9.39
H4' SRA A 13 6.08 6.90 8.60
H3' SRA A 13 3.64 6.51 6.86
H2' SRA A 13 4.83 5.29 5.28
H1' SRA A 13 6.47 3.87 6.98
H8 SRA A 13 2.77 4.29 7.93
HN61 SRA A 13 1.77 -1.02 5.00
HN62 SRA A 13 1.07 0.22 6.00
H2 SRA A 13 6.07 0.15 4.34
HO2' SRA A 13 7.26 6.11 6.53
P SRA A 17 2.99 4.76 -10.32
OP1 SRA A 17 3.30 5.12 -11.80
S2P SRA A 17 3.35 6.13 -8.74
O5' SRA A 17 1.44 4.32 -10.23
C5' SRA A 17 0.80 3.70 -11.35
C4' SRA A 17 -0.42 2.87 -10.93
O4' SRA A 17 -0.20 2.22 -9.67
C3' SRA A 17 -1.64 3.76 -10.69
O3' SRA A 17 -2.32 4.02 -11.92
C2' SRA A 17 -2.46 2.90 -9.76
C1' SRA A 17 -1.41 2.20 -8.91
N9 SRA A 17 -1.23 2.90 -7.61
C8 SRA A 17 -0.24 3.72 -7.20
N7 SRA A 17 -0.34 4.22 -6.01
C5 SRA A 17 -1.54 3.66 -5.57
C6 SRA A 17 -2.25 3.77 -4.37
N6 SRA A 17 -1.84 4.51 -3.34
N1 SRA A 17 -3.40 3.08 -4.27
C2 SRA A 17 -3.83 2.33 -5.28
N3 SRA A 17 -3.24 2.15 -6.45
C4 SRA A 17 -2.09 2.85 -6.54
O2' SRA A 17 -3.26 1.95 -10.47
H5' SRA A 17 1.51 3.05 -11.85
H5'' SRA A 17 0.47 4.48 -12.05
H4' SRA A 17 -0.64 2.13 -11.69
H3' SRA A 17 -1.35 4.68 -10.19
H2' SRA A 17 -3.09 3.53 -9.13
H1' SRA A 17 -1.70 1.17 -8.73
H8 SRA A 17 0.60 3.96 -7.84
HN61 SRA A 17 -2.38 4.56 -2.50
HN62 SRA A 17 -0.97 5.04 -3.41
H2 SRA A 17 -4.77 1.79 -5.12
HO2' SRA A 17 -3.50 1.25 -9.86
P SRA A 4 -3.60 7.84 5.21
OP1 SRA A 4 -3.88 7.61 6.71
S2P SRA A 4 -1.86 7.08 4.27
O5' SRA A 4 -4.88 7.32 4.38
C5' SRA A 4 -6.20 7.74 4.73
C4' SRA A 4 -7.20 7.47 3.60
O4' SRA A 4 -6.84 8.21 2.43
C3' SRA A 4 -7.16 6.01 3.18
O3' SRA A 4 -8.06 5.23 3.98
C2' SRA A 4 -7.62 6.08 1.74
C1' SRA A 4 -7.04 7.41 1.26
N9 SRA A 4 -5.76 7.19 0.54
C8 SRA A 4 -4.49 7.26 1.01
N7 SRA A 4 -3.54 7.04 0.16
C5 SRA A 4 -4.26 6.81 -1.02
C6 SRA A 4 -3.86 6.51 -2.32
N6 SRA A 4 -2.58 6.41 -2.70
N1 SRA A 4 -4.83 6.34 -3.24
C2 SRA A 4 -6.11 6.45 -2.90
N3 SRA A 4 -6.60 6.73 -1.69
C4 SRA A 4 -5.61 6.90 -0.79
O2' SRA A 4 -9.06 6.08 1.64
H5' SRA A 4 -6.19 8.81 4.95
H5'' SRA A 4 -6.53 7.20 5.62
H4' SRA A 4 -8.20 7.75 3.92
H3' SRA A 4 -6.14 5.63 3.23
H2' SRA A 4 -7.19 5.26 1.17
H1' SRA A 4 -7.75 7.90 0.59
H8 SRA A 4 -4.28 7.47 2.05
HN61 SRA A 4 -2.35 6.20 -3.65
HN62 SRA A 4 -1.85 6.56 -2.01
H2 SRA A 4 -6.84 6.30 -3.69
HO2' SRA A 4 -9.33 6.99 1.49
P SRA A 7 -7.85 -5.99 -0.41
OP1 SRA A 7 -8.70 -7.30 -0.54
S2P SRA A 7 -7.95 -4.79 1.34
O5' SRA A 7 -6.31 -6.39 -0.67
C5' SRA A 7 -5.93 -7.06 -1.88
C4' SRA A 7 -4.43 -6.97 -2.15
O4' SRA A 7 -3.91 -5.66 -1.88
C3' SRA A 7 -3.64 -7.90 -1.22
O3' SRA A 7 -2.47 -8.39 -1.89
C2' SRA A 7 -3.31 -7.01 -0.03
C1' SRA A 7 -3.16 -5.63 -0.66
N9 SRA A 7 -3.66 -4.58 0.23
C8 SRA A 7 -4.84 -4.50 0.88
N7 SRA A 7 -5.06 -3.46 1.62
C5 SRA A 7 -3.86 -2.74 1.44
C6 SRA A 7 -3.41 -1.52 1.95
N6 SRA A 7 -4.12 -0.76 2.78
N1 SRA A 7 -2.18 -1.12 1.59
C2 SRA A 7 -1.44 -1.86 0.76
N3 SRA A 7 -1.78 -3.03 0.22
C4 SRA A 7 -3.01 -3.42 0.60
O2' SRA A 7 -2.09 -7.43 0.61
H5' SRA A 7 -6.47 -6.60 -2.72
H5'' SRA A 7 -6.22 -8.11 -1.80
H4' SRA A 7 -4.23 -7.24 -3.17
H3' SRA A 7 -4.28 -8.72 -0.90
H2' SRA A 7 -4.14 -7.01 0.67
H1' SRA A 7 -2.10 -5.45 -0.89
H8 SRA A 7 -5.59 -5.28 0.78
HN61 SRA A 7 -3.74 0.12 3.12
HN62 SRA A 7 -5.04 -1.06 3.07
H2 SRA A 7 -0.46 -1.47 0.50
HO2' SRA A 7 -1.38 -6.94 0.20
P SRA A 10 6.60 -9.24 -0.98
OP1 SRA A 10 7.88 -10.11 -0.94
S2P SRA A 10 4.69 -10.08 -0.65
O5' SRA A 10 6.80 -8.02 0.07
C5' SRA A 10 8.02 -7.28 0.11
C4' SRA A 10 7.81 -5.86 0.63
O4' SRA A 10 6.74 -5.21 -0.08
C3' SRA A 10 7.37 -5.87 2.09
O3' SRA A 10 8.50 -5.88 2.96
C2' SRA A 10 6.59 -4.57 2.19
C1' SRA A 10 5.92 -4.47 0.83
N9 SRA A 10 4.54 -5.01 0.87
C8 SRA A 10 4.07 -6.20 0.44
N7 SRA A 10 2.81 -6.43 0.60
C5 SRA A 10 2.38 -5.25 1.20
C6 SRA A 10 1.12 -4.81 1.64
N6 SRA A 10 0.01 -5.54 1.53
N1 SRA A 10 1.06 -3.59 2.19
C2 SRA A 10 2.16 -2.84 2.31
N3 SRA A 10 3.38 -3.15 1.93
C4 SRA A 10 3.43 -4.37 1.37
O2' SRA A 10 7.46 -3.46 2.42
H5' SRA A 10 8.45 -7.24 -0.89
H5'' SRA A 10 8.72 -7.80 0.77
H4' SRA A 10 8.72 -5.28 0.51
H3' SRA A 10 6.71 -6.72 2.28
H2' SRA A 10 5.84 -4.65 2.98
H1' SRA A 10 5.89 -3.42 0.51
H8 SRA A 10 4.72 -6.95 -0.01
HN61 SRA A 10 -0.86 -5.18 1.87
HN62 SRA A 10 0.05 -6.46 1.12
H2 SRA A 10 2.02 -1.85 2.77
HO2' SRA A 10 6.91 -2.66 2.42
P SRA A 13 6.04 3.40 12.21
OP1 SRA A 13 7.50 3.00 11.86
S2P SRA A 13 5.45 3.78 14.21
O5' SRA A 13 5.65 4.68 11.32
C5' SRA A 13 5.28 4.54 9.94
C4' SRA A 13 6.44 4.03 9.10
O4' SRA A 13 6.40 2.60 8.98
C3' SRA A 13 6.37 4.57 7.68
O3' SRA A 13 7.35 5.60 7.52
C2' SRA A 13 6.65 3.39 6.76
C1' SRA A 13 6.43 2.16 7.63
N9 SRA A 13 5.17 1.48 7.27
C8 SRA A 13 3.95 1.52 7.88
N7 SRA A 13 3.01 0.82 7.36
C5 SRA A 13 3.65 0.24 6.26
C6 SRA A 13 3.21 -0.63 5.26
N6 SRA A 13 1.96 -1.10 5.20
N1 SRA A 13 4.11 -1.02 4.33
C2 SRA A 13 5.36 -0.55 4.38
N3 SRA A 13 5.88 0.28 5.28
C4 SRA A 13 4.96 0.63 6.20
O2' SRA A 13 7.99 3.43 6.26
H5' SRA A 13 4.96 5.51 9.56
H5'' SRA A 13 4.45 3.84 9.87
H4' SRA A 13 7.38 4.33 9.55
H3' SRA A 13 5.37 4.96 7.48
H2' SRA A 13 5.94 3.39 5.93
H1' SRA A 13 7.26 1.46 7.49
H8 SRA A 13 3.79 2.12 8.77
HN61 SRA A 13 1.70 -1.73 4.45
HN62 SRA A 13 1.29 -0.83 5.89
H2 SRA A 13 6.03 -0.90 3.59
HO2' SRA A 13 8.34 4.32 6.42
P SRA A 17 1.91 4.25 -10.88
OP1 SRA A 17 2.19 4.47 -12.39
S2P SRA A 17 1.86 5.87 -9.51
O5' SRA A 17 0.51 3.45 -10.76
C5' SRA A 17 0.17 2.42 -11.70
C4' SRA A 17 -1.15 1.76 -11.34
O4' SRA A 17 -1.09 1.12 -10.07
C3' SRA A 17 -2.28 2.79 -11.22
O3' SRA A 17 -2.90 3.08 -12.49
C2' SRA A 17 -3.24 2.09 -10.29
C1' SRA A 17 -2.30 1.34 -9.34
N9 SRA A 17 -2.04 2.15 -8.13
C8 SRA A 17 -1.09 3.09 -7.89
N7 SRA A 17 -1.08 3.66 -6.74
C5 SRA A 17 -2.16 3.03 -6.11
C6 SRA A 17 -2.71 3.17 -4.83
N6 SRA A 17 -2.25 4.01 -3.92
N1 SRA A 17 -3.77 2.38 -4.53
C2 SRA A 17 -4.26 1.53 -5.43
N3 SRA A 17 -3.80 1.32 -6.67
C4 SRA A 17 -2.75 2.11 -6.94
O2' SRA A 17 -4.10 1.19 -10.98
H5' SRA A 17 0.96 1.67 -11.70
H5'' SRA A 17 0.10 2.87 -12.69
H4' SRA A 17 -1.41 1.02 -12.11
H3' SRA A 17 -1.89 3.70 -10.76
H2' SRA A 17 -3.82 2.83 -9.73
H1' SRA A 17 -2.75 0.40 -9.06
H8 SRA A 17 -0.36 3.36 -8.66
HN61 SRA A 17 -2.69 4.07 -3.02
HN62 SRA A 17 -1.46 4.60 -4.14
H2 SRA A 17 -5.12 0.93 -5.12
HO2' SRA A 17 -4.53 0.64 -10.33
P SRA A 4 -5.06 10.41 4.84
OP1 SRA A 4 -5.29 10.25 6.37
S2P SRA A 4 -3.15 10.21 3.97
O5' SRA A 4 -6.06 9.39 4.09
C5' SRA A 4 -7.46 9.41 4.36
C4' SRA A 4 -8.27 8.82 3.22
O4' SRA A 4 -7.98 9.46 1.97
C3' SRA A 4 -7.91 7.35 2.99
O3' SRA A 4 -8.64 6.48 3.86
C2' SRA A 4 -8.30 7.16 1.53
C1' SRA A 4 -7.98 8.51 0.90
N9 SRA A 4 -6.66 8.46 0.22
C8 SRA A 4 -5.45 8.92 0.64
N7 SRA A 4 -4.46 8.75 -0.16
C5 SRA A 4 -5.05 8.10 -1.24
C6 SRA A 4 -4.56 7.62 -2.45
N6 SRA A 4 -3.27 7.73 -2.81
N1 SRA A 4 -5.43 7.03 -3.29
C2 SRA A 4 -6.71 6.92 -2.96
N3 SRA A 4 -7.29 7.34 -1.84
C4 SRA A 4 -6.40 7.92 -1.01
O2' SRA A 4 -9.70 6.86 1.40
H5' SRA A 4 -7.78 10.44 4.53
H5'' SRA A 4 -7.65 8.83 5.27
H4' SRA A 4 -9.33 8.91 3.43
H3' SRA A 4 -6.83 7.20 3.10
H2' SRA A 4 -7.69 6.38 1.07
H1' SRA A 4 -8.75 8.77 0.19
H8 SRA A 4 -5.34 9.41 1.60
HN61 SRA A 4 -2.96 7.36 -3.70
HN62 SRA A 4 -2.61 8.16 -2.18
H2 SRA A 4 -7.36 6.43 -3.69
HO2' SRA A 4 -10.19 7.64 1.67
P SRA A 7 -8.42 -5.01 -0.50
OP1 SRA A 7 -9.46 -6.15 -0.55
S2P SRA A 7 -8.09 -3.87 1.26
O5' SRA A 7 -7.01 -5.61 -0.98
C5' SRA A 7 -6.89 -6.25 -2.26
C4' SRA A 7 -5.44 -6.39 -2.71
O4' SRA A 7 -4.66 -5.22 -2.44
C3' SRA A 7 -4.72 -7.51 -1.98
O3' SRA A 7 -3.74 -8.12 -2.84
C2' SRA A 7 -4.09 -6.82 -0.80
C1' SRA A 7 -3.77 -5.42 -1.33
N9 SRA A 7 -3.98 -4.40 -0.29
C8 SRA A 7 -5.07 -4.14 0.47
N7 SRA A 7 -5.00 -3.18 1.31
C5 SRA A 7 -3.69 -2.71 1.11
C6 SRA A 7 -2.95 -1.68 1.69
N6 SRA A 7 -3.43 -0.89 2.64
N1 SRA A 7 -1.69 -1.51 1.25
C2 SRA A 7 -1.19 -2.30 0.30
N3 SRA A 7 -1.80 -3.30 -0.32
C4 SRA A 7 -3.06 -3.46 0.13
O2' SRA A 7 -2.89 -7.49 -0.36
H5' SRA A 7 -7.44 -5.66 -3.00
H5'' SRA A 7 -7.34 -7.24 -2.20
H4' SRA A 7 -5.42 -6.58 -3.79
H3' SRA A 7 -5.45 -8.25 -1.63
H2' SRA A 7 -4.81 -6.75 0.02
H1' SRA A 7 -2.74 -5.39 -1.68
H8 SRA A 7 -5.98 -4.75 0.36
HN61 SRA A 7 -2.85 -0.16 3.03
HN62 SRA A 7 -4.38 -1.01 2.98
H2 SRA A 7 -0.16 -2.10 0.00
HO2' SRA A 7 -3.00 -8.42 -0.58
P SRA A 10 4.76 -11.16 -2.73
OP1 SRA A 10 5.76 -12.33 -2.91
S2P SRA A 10 2.72 -11.50 -2.27
O5' SRA A 10 5.36 -10.16 -1.62
C5' SRA A 10 6.72 -9.72 -1.68
C4' SRA A 10 6.89 -8.33 -1.06
O4' SRA A 10 5.94 -7.40 -1.59
C3' SRA A 10 6.63 -8.36 0.44
O3' SRA A 10 7.82 -8.73 1.15
C2' SRA A 10 6.20 -6.94 0.72
C1' SRA A 10 5.42 -6.57 -0.55
N9 SRA A 10 3.97 -6.78 -0.35
C8 SRA A 10 3.17 -7.78 -0.81
N7 SRA A 10 1.92 -7.72 -0.52
C5 SRA A 10 1.86 -6.55 0.24
C6 SRA A 10 0.81 -5.88 0.89
N6 SRA A 10 -0.45 -6.33 0.88
N1 SRA A 10 1.11 -4.75 1.55
C2 SRA A 10 2.36 -4.29 1.57
N3 SRA A 10 3.43 -4.83 1.00
C4 SRA A 10 3.11 -5.97 0.35
O2' SRA A 10 7.33 -6.07 0.89
H5' SRA A 10 7.02 -9.68 -2.72
H5'' SRA A 10 7.36 -10.43 -1.15
H4' SRA A 10 7.90 -7.96 -1.25
H3' SRA A 10 5.81 -9.06 0.67
H2' SRA A 10 5.53 -6.90 1.58
H1' SRA A 10 5.61 -5.53 -0.79
H8 SRA A 10 3.57 -8.59 -1.41
HN61 SRA A 10 -1.16 -5.81 1.35
HN62 SRA A 10 -0.68 -7.17 0.38
H2 SRA A 10 2.52 -3.37 2.12
HO2' SRA A 10 7.01 -5.17 0.86
P SRA A 13 5.91 -0.03 11.48
OP1 SRA A 13 6.11 -0.78 12.83
S2P SRA A 13 4.60 1.62 11.33
O5' SRA A 13 7.36 0.42 10.95
C5' SRA A 13 7.48 1.30 9.83
C4' SRA A 13 8.32 0.67 8.71
O4' SRA A 13 7.89 -0.66 8.44
C3' SRA A 13 8.15 1.44 7.41
O3' SRA A 13 9.18 2.43 7.27
C2' SRA A 13 8.27 0.36 6.34
C1' SRA A 13 7.74 -0.89 7.03
N9 SRA A 13 6.33 -1.13 6.68
C8 SRA A 13 5.21 -0.85 7.37
N7 SRA A 13 4.08 -1.18 6.84
C5 SRA A 13 4.49 -1.76 5.64
C6 SRA A 13 3.79 -2.34 4.57
N6 SRA A 13 2.46 -2.43 4.53
N1 SRA A 13 4.52 -2.81 3.54
C2 SRA A 13 5.84 -2.73 3.56
N3 SRA A 13 6.61 -2.21 4.51
C4 SRA A 13 5.87 -1.74 5.53
O2' SRA A 13 9.62 0.19 5.91
H5' SRA A 13 7.95 2.23 10.15
H5'' SRA A 13 6.48 1.52 9.45
H4' SRA A 13 9.37 0.67 9.01
H3' SRA A 13 7.16 1.90 7.37
H2' SRA A 13 7.62 0.62 5.50
H1' SRA A 13 8.35 -1.75 6.74
H8 SRA A 13 5.25 -0.37 8.35
HN61 SRA A 13 2.00 -2.85 3.74
HN62 SRA A 13 1.92 -2.07 5.30
H2 SRA A 13 6.37 -3.14 2.69
HO2' SRA A 13 9.95 1.06 5.66
P SRA A 17 2.88 4.71 -10.34
OP1 SRA A 17 3.28 5.15 -11.78
S2P SRA A 17 3.09 6.02 -8.69
O5' SRA A 17 1.35 4.20 -10.39
C5' SRA A 17 0.92 3.27 -11.39
C4' SRA A 17 -0.30 2.47 -10.93
O4' SRA A 17 -0.12 1.97 -9.61
C3' SRA A 17 -1.54 3.34 -10.86
O3' SRA A 17 -2.20 3.46 -12.13
C2' SRA A 17 -2.38 2.60 -9.85
C1' SRA A 17 -1.35 2.04 -8.87
N9 SRA A 17 -1.21 2.91 -7.69
C8 SRA A 17 -0.27 3.85 -7.39
N7 SRA A 17 -0.39 4.48 -6.27
C5 SRA A 17 -1.55 3.90 -5.75
C6 SRA A 17 -2.25 4.11 -4.55
N6 SRA A 17 -1.87 5.01 -3.63
N1 SRA A 17 -3.34 3.37 -4.34
C2 SRA A 17 -3.73 2.47 -5.24
N3 SRA A 17 -3.16 2.19 -6.40
C4 SRA A 17 -2.05 2.95 -6.60
O2' SRA A 17 -3.13 1.54 -10.46
H5' SRA A 17 1.73 2.59 -11.62
H5'' SRA A 17 0.67 3.83 -12.29
H4' SRA A 17 -0.47 1.65 -11.62
H3' SRA A 17 -1.28 4.34 -10.47
H2' SRA A 17 -3.05 3.29 -9.32
H1' SRA A 17 -1.65 1.04 -8.55
H8 SRA A 17 0.54 4.06 -8.08
HN61 SRA A 17 -2.40 5.12 -2.79
HN62 SRA A 17 -1.04 5.57 -3.79
H2 SRA A 17 -4.64 1.91 -5.00
HO2' SRA A 17 -2.54 1.08 -11.06
P SRA A 4 -3.72 8.35 5.12
OP1 SRA A 4 -4.10 8.22 6.62
S2P SRA A 4 -1.96 7.48 4.33
O5' SRA A 4 -4.98 7.81 4.26
C5' SRA A 4 -6.32 8.08 4.67
C4' SRA A 4 -7.33 7.74 3.57
O4' SRA A 4 -7.00 8.42 2.35
C3' SRA A 4 -7.30 6.26 3.23
O3' SRA A 4 -8.16 5.49 4.07
C2' SRA A 4 -7.80 6.27 1.79
C1' SRA A 4 -7.23 7.56 1.23
N9 SRA A 4 -5.97 7.31 0.49
C8 SRA A 4 -4.68 7.43 0.89
N7 SRA A 4 -3.75 7.14 0.04
C5 SRA A 4 -4.51 6.77 -1.07
C6 SRA A 4 -4.15 6.34 -2.35
N6 SRA A 4 -2.88 6.20 -2.74
N1 SRA A 4 -5.14 6.05 -3.21
C2 SRA A 4 -6.42 6.18 -2.84
N3 SRA A 4 -6.87 6.58 -1.65
C4 SRA A 4 -5.86 6.86 -0.81
O2' SRA A 4 -9.23 6.25 1.72
H5' SRA A 4 -6.41 9.13 4.93
H5'' SRA A 4 -6.54 7.47 5.55
H4' SRA A 4 -8.33 8.03 3.88
H3' SRA A 4 -6.28 5.89 3.26
H2' SRA A 4 -7.37 5.41 1.25
H1' SRA A 4 -7.95 8.02 0.55
H8 SRA A 4 -4.44 7.77 1.90
HN61 SRA A 4 -2.68 5.87 -3.68
HN62 SRA A 4 -2.13 6.41 -2.11
H2 SRA A 4 -7.17 5.93 -3.58
HO2' SRA A 4 -9.54 7.10 2.04
P SRA A 7 -7.88 -6.02 -0.27
OP1 SRA A 7 -8.83 -7.24 -0.41
S2P SRA A 7 -7.79 -4.89 1.51
O5' SRA A 7 -6.39 -6.51 -0.64
C5' SRA A 7 -6.12 -7.17 -1.88
C4' SRA A 7 -4.65 -7.13 -2.27
O4' SRA A 7 -4.05 -5.85 -1.98
C3' SRA A 7 -3.83 -8.13 -1.48
O3' SRA A 7 -2.76 -8.62 -2.29
C2' SRA A 7 -3.36 -7.34 -0.27
C1' SRA A 7 -3.21 -5.92 -0.82
N9 SRA A 7 -3.59 -4.92 0.18
C8 SRA A 7 -4.73 -4.81 0.89
N7 SRA A 7 -4.84 -3.82 1.71
C5 SRA A 7 -3.63 -3.17 1.52
C6 SRA A 7 -3.07 -2.02 2.08
N6 SRA A 7 -3.70 -1.26 2.99
N1 SRA A 7 -1.84 -1.65 1.66
C2 SRA A 7 -1.20 -2.38 0.76
N3 SRA A 7 -1.62 -3.49 0.16
C4 SRA A 7 -2.86 -3.83 0.59
O2' SRA A 7 -2.11 -7.84 0.23
H5' SRA A 7 -6.71 -6.68 -2.67
H5'' SRA A 7 -6.44 -8.21 -1.81
H4' SRA A 7 -4.55 -7.33 -3.33
H3' SRA A 7 -4.47 -8.96 -1.15
H2' SRA A 7 -4.12 -7.36 0.50
H1' SRA A 7 -2.17 -5.77 -1.12
H8 SRA A 7 -5.53 -5.56 0.79
HN61 SRA A 7 -3.25 -0.44 3.36
HN62 SRA A 7 -4.62 -1.53 3.31
H2 SRA A 7 -0.20 -2.03 0.47
HO2' SRA A 7 -1.96 -8.70 -0.19
P SRA A 10 7.58 -9.39 -2.70
OP1 SRA A 10 8.87 -10.00 -3.28
S2P SRA A 10 6.26 -10.53 -1.50
O5' SRA A 10 7.99 -8.07 -1.86
C5' SRA A 10 8.87 -7.10 -2.43
C4' SRA A 10 8.78 -5.77 -1.68
O4' SRA A 10 7.48 -5.19 -1.80
C3' SRA A 10 9.00 -5.96 -0.18
O3' SRA A 10 10.40 -5.92 0.13
C2' SRA A 10 8.24 -4.80 0.41
C1' SRA A 10 7.06 -4.63 -0.55
N9 SRA A 10 5.86 -5.33 -0.03
C8 SRA A 10 5.35 -6.54 -0.37
N7 SRA A 10 4.26 -6.91 0.20
C5 SRA A 10 4.00 -5.82 1.04
C6 SRA A 10 2.98 -5.55 1.95
N6 SRA A 10 1.96 -6.39 2.18
N1 SRA A 10 3.02 -4.37 2.61
C2 SRA A 10 4.02 -3.52 2.38
N3 SRA A 10 5.04 -3.67 1.54
C4 SRA A 10 4.96 -4.86 0.90
O2' SRA A 10 9.04 -3.61 0.44
H5' SRA A 10 8.60 -6.94 -3.47
H5'' SRA A 10 9.89 -7.46 -2.38
H4' SRA A 10 9.52 -5.07 -2.08
H3' SRA A 10 8.56 -6.91 0.14
H2' SRA A 10 7.88 -5.05 1.41
H1' SRA A 10 6.84 -3.58 -0.68
H8 SRA A 10 5.84 -7.18 -1.10
HN61 SRA A 10 1.25 -6.14 2.85
HN62 SRA A 10 1.91 -7.27 1.69
H2 SRA A 10 3.99 -2.59 2.95
HO2' SRA A 10 9.29 -3.40 -0.45
P SRA A 13 12.76 1.32 9.45
OP1 SRA A 13 13.87 1.46 8.37
S2P SRA A 13 13.22 1.33 11.51
O5' SRA A 13 11.66 2.46 9.17
C5' SRA A 13 10.59 2.25 8.24
C4' SRA A 13 11.11 2.02 6.81
O4' SRA A 13 11.23 0.63 6.54
C3' SRA A 13 10.14 2.58 5.78
O3' SRA A 13 10.59 3.86 5.32
C2' SRA A 13 10.14 1.56 4.65
C1' SRA A 13 10.59 0.26 5.30
N9 SRA A 13 9.43 -0.62 5.56
C8 SRA A 13 8.85 -0.98 6.73
N7 SRA A 13 7.84 -1.78 6.67
C5 SRA A 13 7.72 -1.99 5.30
C6 SRA A 13 6.84 -2.75 4.53
N6 SRA A 13 5.85 -3.47 5.05
N1 SRA A 13 7.02 -2.74 3.20
C2 SRA A 13 8.00 -2.03 2.65
N3 SRA A 13 8.89 -1.27 3.28
C4 SRA A 13 8.69 -1.29 4.61
O2' SRA A 13 11.04 1.95 3.60
H5' SRA A 13 9.93 3.13 8.24
H5'' SRA A 13 10.01 1.38 8.55
H4' SRA A 13 12.08 2.50 6.71
H3' SRA A 13 9.14 2.66 6.21
H2' SRA A 13 9.13 1.45 4.26
H1' SRA A 13 11.30 -0.24 4.66
H8 SRA A 13 9.22 -0.60 7.69
HN61 SRA A 13 5.25 -4.01 4.45
HN62 SRA A 13 5.72 -3.49 6.05
H2 SRA A 13 8.07 -2.07 1.56
HO2' SRA A 13 10.70 1.58 2.79
P SRA A 17 1.26 3.63 -11.12
OP1 SRA A 17 1.46 3.73 -12.66
S2P SRA A 17 1.16 5.35 -9.89
O5' SRA A 17 -0.06 2.75 -10.86
C5' SRA A 17 -0.41 1.66 -11.72
C4' SRA A 17 -1.60 0.87 -11.19
O4' SRA A 17 -1.34 0.34 -9.88
C3' SRA A 17 -2.82 1.77 -11.01
O3' SRA A 17 -3.57 1.86 -12.23
C2' SRA A 17 -3.59 1.05 -9.92
C1' SRA A 17 -2.48 0.49 -9.04
N9 SRA A 17 -2.21 1.39 -7.91
C8 SRA A 17 -1.23 2.33 -7.76
N7 SRA A 17 -1.20 3.00 -6.66
C5 SRA A 17 -2.30 2.46 -5.98
C6 SRA A 17 -2.84 2.72 -4.72
N6 SRA A 17 -2.35 3.63 -3.89
N1 SRA A 17 -3.93 2.01 -4.36
C2 SRA A 17 -4.45 1.09 -5.18
N3 SRA A 17 -4.00 0.76 -6.38
C4 SRA A 17 -2.92 1.49 -6.73
O2' SRA A 17 -4.41 0.01 -10.46
H5' SRA A 17 0.45 0.99 -11.81
H5'' SRA A 17 -0.66 2.05 -12.71
H4' SRA A 17 -1.83 0.05 -11.86
H3' SRA A 17 -2.51 2.75 -10.67
H2' SRA A 17 -4.19 1.77 -9.36
H1' SRA A 17 -2.78 -0.48 -8.65
H8 SRA A 17 -0.50 2.51 -8.55
HN61 SRA A 17 -2.79 3.79 -2.99
HN62 SRA A 17 -1.55 4.18 -4.15
H2 SRA A 17 -5.31 0.56 -4.82
HO2' SRA A 17 -3.83 -0.72 -10.70
P SRA A 4 -3.56 9.18 5.04
OP1 SRA A 4 -3.71 9.02 6.58
S2P SRA A 4 -1.72 8.86 4.07
O5' SRA A 4 -4.67 8.23 4.35
C5' SRA A 4 -5.98 8.12 4.90
C4' SRA A 4 -7.01 7.76 3.83
O4' SRA A 4 -6.79 8.50 2.63
C3' SRA A 4 -6.90 6.30 3.42
O3' SRA A 4 -7.65 5.47 4.32
C2' SRA A 4 -7.48 6.32 2.01
C1' SRA A 4 -7.05 7.67 1.48
N9 SRA A 4 -5.83 7.55 0.63
C8 SRA A 4 -4.55 7.82 0.93
N7 SRA A 4 -3.67 7.65 -0.01
C5 SRA A 4 -4.47 7.20 -1.07
C6 SRA A 4 -4.19 6.82 -2.38
N6 SRA A 4 -2.95 6.85 -2.89
N1 SRA A 4 -5.21 6.43 -3.15
C2 SRA A 4 -6.45 6.42 -2.67
N3 SRA A 4 -6.83 6.75 -1.44
C4 SRA A 4 -5.79 7.14 -0.68
O2' SRA A 4 -8.91 6.20 2.04
H5' SRA A 4 -6.26 9.07 5.36
H5'' SRA A 4 -5.99 7.34 5.67
H4' SRA A 4 -8.02 7.97 4.20
H3' SRA A 4 -5.85 6.00 3.39
H2' SRA A 4 -7.04 5.52 1.42
H1' SRA A 4 -7.85 8.11 0.89
H8 SRA A 4 -4.24 8.16 1.91
HN61 SRA A 4 -2.79 6.56 -3.85
HN62 SRA A 4 -2.17 7.15 -2.32
H2 SRA A 4 -7.24 6.09 -3.35
HO2' SRA A 4 -9.20 6.10 1.13
P SRA A 7 -7.27 -5.60 0.72
OP1 SRA A 7 -8.19 -6.83 0.96
S2P SRA A 7 -6.80 -4.26 2.29
O5' SRA A 7 -5.90 -6.14 0.07
C5' SRA A 7 -5.91 -6.87 -1.14
C4' SRA A 7 -4.56 -6.89 -1.84
O4' SRA A 7 -3.81 -5.68 -1.63
C3' SRA A 7 -3.65 -8.00 -1.31
O3' SRA A 7 -2.81 -8.49 -2.36
C2' SRA A 7 -2.87 -7.31 -0.20
C1' SRA A 7 -2.74 -5.88 -0.70
N9 SRA A 7 -2.82 -4.92 0.42
C8 SRA A 7 -3.84 -4.73 1.29
N7 SRA A 7 -3.69 -3.81 2.19
C5 SRA A 7 -2.40 -3.35 1.90
C6 SRA A 7 -1.60 -2.37 2.48
N6 SRA A 7 -1.98 -1.63 3.53
N1 SRA A 7 -0.38 -2.16 1.95
C2 SRA A 7 0.03 -2.88 0.90
N3 SRA A 7 -0.65 -3.83 0.27
C4 SRA A 7 -1.87 -4.03 0.82
O2' SRA A 7 -1.58 -7.92 -0.03
H5' SRA A 7 -6.65 -6.44 -1.81
H5'' SRA A 7 -6.20 -7.91 -0.92
H4' SRA A 7 -4.71 -7.03 -2.91
H3' SRA A 7 -4.26 -8.79 -0.89
H2' SRA A 7 -3.44 -7.34 0.74
H1' SRA A 7 -1.78 -5.76 -1.21
H8 SRA A 7 -4.76 -5.31 1.22
HN61 SRA A 7 -1.36 -0.93 3.91
HN62 SRA A 7 -2.90 -1.78 3.94
H2 SRA A 7 1.02 -2.67 0.52
HO2' SRA A 7 -1.28 -7.71 0.86
P SRA A 10 6.20 -10.08 -5.00
OP1 SRA A 10 7.31 -10.92 -5.66
S2P SRA A 10 4.54 -10.99 -4.04
O5' SRA A 10 6.90 -9.08 -3.94
C5' SRA A 10 7.96 -8.20 -4.33
C4' SRA A 10 8.10 -7.03 -3.36
O4' SRA A 10 6.94 -6.21 -3.37
C3' SRA A 10 8.23 -7.53 -1.93
O3' SRA A 10 9.60 -7.81 -1.60
C2' SRA A 10 7.68 -6.36 -1.13
C1' SRA A 10 6.59 -5.82 -2.03
N9 SRA A 10 5.26 -6.35 -1.67
C8 SRA A 10 4.57 -7.39 -2.19
N7 SRA A 10 3.42 -7.65 -1.70
C5 SRA A 10 3.31 -6.68 -0.71
C6 SRA A 10 2.31 -6.37 0.22
N6 SRA A 10 1.17 -7.06 0.32
N1 SRA A 10 2.53 -5.34 1.06
C2 SRA A 10 3.66 -4.65 0.99
N3 SRA A 10 4.67 -4.84 0.14
C4 SRA A 10 4.44 -5.88 -0.68
O2' SRA A 10 8.69 -5.38 -0.89
H5' SRA A 10 7.73 -7.81 -5.33
H5'' SRA A 10 8.90 -8.75 -4.37
H4' SRA A 10 8.98 -6.44 -3.62
H3' SRA A 10 7.60 -8.42 -1.78
H2' SRA A 10 7.26 -6.71 -0.19
H1' SRA A 10 6.57 -4.73 -1.97
H8 SRA A 10 4.99 -7.99 -3.01
HN61 SRA A 10 0.47 -6.80 1.00
HN62 SRA A 10 0.99 -7.84 -0.31
H2 SRA A 10 3.76 -3.82 1.70
HO2' SRA A 10 9.52 -5.85 -0.72
P SRA A 13 10.20 -2.90 9.84
OP1 SRA A 13 11.43 -2.83 8.90
S2P SRA A 13 10.38 -3.60 11.83
O5' SRA A 13 9.52 -1.44 9.89
C5' SRA A 13 8.65 -1.00 8.85
C4' SRA A 13 9.43 -0.61 7.60
O4' SRA A 13 9.84 -1.76 6.85
C3' SRA A 13 8.57 0.20 6.63
O3' SRA A 13 8.70 1.61 6.86
C2' SRA A 13 9.10 -0.19 5.26
C1' SRA A 13 9.59 -1.62 5.46
N9 SRA A 13 8.56 -2.58 5.00
C8 SRA A 13 7.55 -3.15 5.70
N7 SRA A 13 6.79 -3.98 5.06
C5 SRA A 13 7.35 -3.96 3.78
C6 SRA A 13 7.02 -4.62 2.59
N6 SRA A 13 6.00 -5.48 2.49
N1 SRA A 13 7.79 -4.36 1.51
C2 SRA A 13 8.81 -3.51 1.60
N3 SRA A 13 9.21 -2.84 2.67
C4 SRA A 13 8.43 -3.11 3.74
O2' SRA A 13 10.18 0.67 4.87
H5' SRA A 13 8.08 -0.14 9.19
H5'' SRA A 13 7.96 -1.80 8.59
H4' SRA A 13 10.31 -0.03 7.88
H3' SRA A 13 7.52 -0.11 6.73
H2' SRA A 13 8.30 -0.16 4.53
H1' SRA A 13 10.51 -1.77 4.89
H8 SRA A 13 7.39 -2.94 6.76
HN61 SRA A 13 5.82 -5.93 1.61
HN62 SRA A 13 5.44 -5.68 3.31
H2 SRA A 13 9.38 -3.36 0.68
HO2' SRA A 13 10.40 0.45 3.96
P SRA A 17 2.67 4.21 -10.76
OP1 SRA A 17 2.98 4.40 -12.27
S2P SRA A 17 2.68 5.81 -9.45
O5' SRA A 17 1.24 3.50 -10.63
C5' SRA A 17 0.76 2.62 -11.66
C4' SRA A 17 -0.51 1.89 -11.23
O4' SRA A 17 -0.40 1.37 -9.90
C3' SRA A 17 -1.70 2.83 -11.19
O3' SRA A 17 -2.31 2.99 -12.48
C2' SRA A 17 -2.62 2.12 -10.21
C1' SRA A 17 -1.65 1.52 -9.21
N9 SRA A 17 -1.50 2.39 -8.03
C8 SRA A 17 -0.60 3.37 -7.78
N7 SRA A 17 -0.68 4.00 -6.66
C5 SRA A 17 -1.79 3.36 -6.07
C6 SRA A 17 -2.43 3.54 -4.85
N6 SRA A 17 -2.05 4.45 -3.95
N1 SRA A 17 -3.49 2.75 -4.58
C2 SRA A 17 -3.88 1.84 -5.47
N3 SRA A 17 -3.34 1.59 -6.66
C4 SRA A 17 -2.29 2.39 -6.90
O2' SRA A 17 -3.40 1.11 -10.86
H5' SRA A 17 1.54 1.89 -11.89
H5'' SRA A 17 0.56 3.21 -12.55
H4' SRA A 17 -0.71 1.07 -11.93
H3' SRA A 17 -1.40 3.80 -10.78
H2' SRA A 17 -3.27 2.85 -9.72
H1' SRA A 17 -2.01 0.54 -8.90
H8 SRA A 17 0.18 3.62 -8.51
HN61 SRA A 17 -2.55 4.54 -3.08
HN62 SRA A 17 -1.26 5.04 -4.14
H2 SRA A 17 -4.74 1.23 -5.20
HO2' SRA A 17 -4.09 0.84 -10.24
P SRA A 4 -5.35 9.87 5.15
OP1 SRA A 4 -5.70 9.51 6.62
S2P SRA A 4 -3.41 9.63 4.38
O5' SRA A 4 -6.38 9.08 4.20
C5' SRA A 4 -7.77 9.04 4.49
C4' SRA A 4 -8.60 8.57 3.29
O4' SRA A 4 -8.23 9.27 2.10
C3' SRA A 4 -8.35 7.11 2.98
O3' SRA A 4 -9.16 6.25 3.79
C2' SRA A 4 -8.72 7.03 1.51
C1' SRA A 4 -8.29 8.38 0.97
N9 SRA A 4 -6.98 8.28 0.30
C8 SRA A 4 -5.76 8.70 0.70
N7 SRA A 4 -4.76 8.49 -0.09
C5 SRA A 4 -5.38 7.84 -1.16
C6 SRA A 4 -4.90 7.33 -2.37
N6 SRA A 4 -3.61 7.39 -2.73
N1 SRA A 4 -5.79 6.75 -3.19
C2 SRA A 4 -7.07 6.68 -2.86
N3 SRA A 4 -7.64 7.13 -1.75
C4 SRA A 4 -6.73 7.71 -0.93
O2' SRA A 4 -10.14 6.84 1.35
H5' SRA A 4 -8.10 10.04 4.77
H5'' SRA A 4 -7.95 8.36 5.32
H4' SRA A 4 -9.66 8.73 3.49
H3' SRA A 4 -7.28 6.87 3.10
H2' SRA A 4 -8.17 6.23 1.02
H1' SRA A 4 -9.03 8.75 0.26
H8 SRA A 4 -5.61 9.20 1.66
HN61 SRA A 4 -3.32 7.00 -3.61
HN62 SRA A 4 -2.93 7.82 -2.12
H2 SRA A 4 -7.75 6.20 -3.58
HO2' SRA A 4 -10.52 6.76 2.23
P SRA A 7 -6.96 -5.52 1.06
OP1 SRA A 7 -7.82 -6.78 1.37
S2P SRA A 7 -6.53 -4.09 2.57
O5' SRA A 7 -5.57 -6.01 0.43
C5' SRA A 7 -5.54 -7.06 -0.54
C4' SRA A 7 -4.33 -6.95 -1.47
O4' SRA A 7 -3.72 -5.66 -1.45
C3' SRA A 7 -3.22 -7.90 -1.06
O3' SRA A 7 -2.50 -8.37 -2.21
C2' SRA A 7 -2.35 -7.07 -0.14
C1' SRA A 7 -2.50 -5.66 -0.69
N9 SRA A 7 -2.55 -4.67 0.40
C8 SRA A 7 -3.49 -4.52 1.37
N7 SRA A 7 -3.30 -3.58 2.23
C5 SRA A 7 -2.10 -3.02 1.79
C6 SRA A 7 -1.31 -1.96 2.26
N6 SRA A 7 -1.64 -1.24 3.34
N1 SRA A 7 -0.18 -1.69 1.60
C2 SRA A 7 0.17 -2.41 0.53
N3 SRA A 7 -0.50 -3.43 0.00
C4 SRA A 7 -1.63 -3.68 0.69
O2' SRA A 7 -0.99 -7.50 -0.17
H5' SRA A 7 -6.45 -7.01 -1.14
H5'' SRA A 7 -5.52 -8.02 -0.03
H4' SRA A 7 -4.64 -7.17 -2.49
H3' SRA A 7 -3.65 -8.74 -0.50
H2' SRA A 7 -2.75 -7.11 0.88
H1' SRA A 7 -1.66 -5.44 -1.34
H8 SRA A 7 -4.36 -5.18 1.42
HN61 SRA A 7 -1.04 -0.48 3.64
HN62 SRA A 7 -2.49 -1.44 3.84
H2 SRA A 7 1.09 -2.12 0.04
HO2' SRA A 7 -0.64 -7.26 -1.03
P SRA A 10 6.18 -10.29 -5.30
OP1 SRA A 10 7.18 -11.15 -6.12
S2P SRA A 10 4.62 -11.16 -4.17
O5' SRA A 10 7.04 -9.33 -4.32
C5' SRA A 10 8.13 -8.56 -4.82
C4' SRA A 10 8.36 -7.31 -3.98
O4' SRA A 10 7.17 -6.50 -3.91
C3' SRA A 10 8.68 -7.67 -2.53
O3' SRA A 10 10.08 -7.91 -2.35
C2' SRA A 10 8.21 -6.44 -1.78
C1' SRA A 10 6.98 -6.00 -2.57
N9 SRA A 10 5.75 -6.56 -1.98
C8 SRA A 10 5.00 -7.62 -2.36
N7 SRA A 10 3.95 -7.90 -1.67
C5 SRA A 10 3.98 -6.88 -0.71
C6 SRA A 10 3.14 -6.57 0.37
N6 SRA A 10 2.04 -7.27 0.66
N1 SRA A 10 3.46 -5.51 1.12
C2 SRA A 10 4.55 -4.80 0.84
N3 SRA A 10 5.42 -4.99 -0.14
C4 SRA A 10 5.07 -6.07 -0.89
O2' SRA A 10 9.21 -5.41 -1.78
H5' SRA A 10 7.91 -8.26 -5.85
H5'' SRA A 10 9.03 -9.17 -4.81
H4' SRA A 10 9.18 -6.72 -4.39
H3' SRA A 10 8.09 -8.54 -2.22
H2' SRA A 10 7.92 -6.70 -0.77
H1' SRA A 10 6.93 -4.92 -2.59
H8 SRA A 10 5.29 -8.23 -3.21
HN61 SRA A 10 1.46 -7.00 1.45
HN62 SRA A 10 1.79 -8.07 0.10
H2 SRA A 10 4.76 -3.94 1.49
HO2' SRA A 10 9.52 -5.31 -2.69
P SRA A 13 12.31 -3.01 9.22
OP1 SRA A 13 13.21 -3.40 8.02
S2P SRA A 13 12.73 -3.69 11.19
O5' SRA A 13 12.23 -1.39 9.27
C5' SRA A 13 11.28 -0.69 8.46
C4' SRA A 13 11.69 -0.67 7.00
O4' SRA A 13 11.31 -1.88 6.33
C3' SRA A 13 10.99 0.45 6.23
O3' SRA A 13 11.76 1.65 6.22
C2' SRA A 13 10.84 -0.12 4.84
C1' SRA A 13 10.69 -1.61 5.06
N9 SRA A 13 9.27 -2.01 5.08
C8 SRA A 13 8.37 -1.97 6.09
N7 SRA A 13 7.17 -2.38 5.84
C5 SRA A 13 7.28 -2.75 4.51
C6 SRA A 13 6.36 -3.29 3.60
N6 SRA A 13 5.10 -3.56 3.93
N1 SRA A 13 6.79 -3.54 2.36
C2 SRA A 13 8.05 -3.28 2.01
N3 SRA A 13 9.00 -2.77 2.79
C4 SRA A 13 8.55 -2.53 4.02
O2' SRA A 13 11.98 0.18 4.02
H5' SRA A 13 11.20 0.34 8.82
H5'' SRA A 13 10.30 -1.17 8.55
H4' SRA A 13 12.77 -0.54 6.92
H3' SRA A 13 10.00 0.63 6.68
H2' SRA A 13 9.92 0.27 4.38
H1' SRA A 13 11.22 -2.15 4.28
H8 SRA A 13 8.66 -1.59 7.08
HN61 SRA A 13 4.47 -3.95 3.24
HN62 SRA A 13 4.76 -3.38 4.86
H2 SRA A 13 8.33 -3.50 0.98
HO2' SRA A 13 11.78 -0.13 3.14
P SRA A 17 2.44 4.56 -10.61
OP1 SRA A 17 2.76 4.92 -12.08
S2P SRA A 17 2.72 5.96 -9.04
O5' SRA A 17 0.92 4.04 -10.54
C5' SRA A 17 0.41 3.15 -11.55
C4' SRA A 17 -0.62 2.18 -10.98
O4' SRA A 17 -0.28 1.79 -9.64
C3' SRA A 17 -1.99 2.84 -10.84
O3' SRA A 17 -2.73 2.76 -12.07
C2' SRA A 17 -2.63 2.03 -9.73
C1' SRA A 17 -1.46 1.69 -8.82
N9 SRA A 17 -1.39 2.61 -7.67
C8 SRA A 17 -0.52 3.63 -7.42
N7 SRA A 17 -0.68 4.28 -6.33
C5 SRA A 17 -1.79 3.64 -5.77
C6 SRA A 17 -2.51 3.85 -4.58
N6 SRA A 17 -2.19 4.80 -3.70
N1 SRA A 17 -3.55 3.03 -4.35
C2 SRA A 17 -3.88 2.08 -5.21
N3 SRA A 17 -3.27 1.81 -6.37
C4 SRA A 17 -2.23 2.63 -6.58
O2' SRA A 17 -3.25 0.85 -10.25
H5' SRA A 17 1.23 2.59 -11.97
H5'' SRA A 17 -0.06 3.75 -12.34
H4' SRA A 17 -0.69 1.31 -11.61
H3' SRA A 17 -1.88 3.88 -10.53
H2' SRA A 17 -3.36 2.63 -9.19
H1' SRA A 17 -1.56 0.66 -8.46
H8 SRA A 17 0.28 3.87 -8.12
HN61 SRA A 17 -2.75 4.90 -2.85
HN62 SRA A 17 -1.41 5.40 -3.87
H2 SRA A 17 -4.73 1.47 -4.96
HO2' SRA A 17 -3.25 0.19 -9.54
P SRA A 4 -4.90 7.29 6.05
OP1 SRA A 4 -5.38 6.86 7.46
S2P SRA A 4 -2.98 6.79 5.32
O5' SRA A 4 -5.99 6.76 4.99
C5' SRA A 4 -7.38 7.06 5.15
C4' SRA A 4 -8.16 6.85 3.85
O4' SRA A 4 -7.69 7.70 2.80
C3' SRA A 4 -7.99 5.43 3.33
O3' SRA A 4 -8.89 4.51 3.96
C2' SRA A 4 -8.29 5.62 1.85
C1' SRA A 4 -7.74 7.00 1.55
N9 SRA A 4 -6.40 6.91 0.94
C8 SRA A 4 -5.17 7.02 1.51
N7 SRA A 4 -4.15 6.89 0.73
C5 SRA A 4 -4.76 6.67 -0.52
C6 SRA A 4 -4.24 6.46 -1.79
N6 SRA A 4 -2.93 6.42 -2.05
N1 SRA A 4 -5.11 6.28 -2.80
C2 SRA A 4 -6.43 6.30 -2.55
N3 SRA A 4 -7.03 6.50 -1.38
C4 SRA A 4 -6.13 6.68 -0.39
O2' SRA A 4 -9.70 5.55 1.60
H5' SRA A 4 -7.48 8.10 5.46
H5'' SRA A 4 -7.79 6.42 5.93
H4' SRA A 4 -9.23 7.05 4.03
H3' SRA A 4 -6.95 5.11 3.46
H2' SRA A 4 -7.76 4.87 1.26
H1' SRA A 4 -8.42 7.52 0.87
H8 SRA A 4 -5.05 7.20 2.57
HN61 SRA A 4 -2.61 6.26 -3.01
HN62 SRA A 4 -2.26 6.56 -1.32
H2 SRA A 4 -7.08 6.15 -3.41
HO2' SRA A 4 -10.09 6.37 1.92
P SRA A 7 -8.31 -6.09 -1.00
OP1 SRA A 7 -9.08 -7.41 -1.23
S2P SRA A 7 -8.63 -4.90 0.72
O5' SRA A 7 -6.73 -6.40 -1.11
C5' SRA A 7 -6.22 -7.16 -2.21
C4' SRA A 7 -4.69 -7.09 -2.29
O4' SRA A 7 -4.20 -5.76 -2.03
C3' SRA A 7 -4.03 -7.97 -1.25
O3' SRA A 7 -2.79 -8.49 -1.74
C2' SRA A 7 -3.83 -7.03 -0.07
C1' SRA A 7 -3.60 -5.67 -0.74
N9 SRA A 7 -4.21 -4.59 0.05
C8 SRA A 7 -5.46 -4.50 0.57
N7 SRA A 7 -5.75 -3.43 1.23
C5 SRA A 7 -4.55 -2.72 1.16
C6 SRA A 7 -4.16 -1.47 1.66
N6 SRA A 7 -4.97 -0.68 2.36
N1 SRA A 7 -2.90 -1.07 1.41
C2 SRA A 7 -2.08 -1.84 0.69
N3 SRA A 7 -2.34 -3.03 0.17
C4 SRA A 7 -3.60 -3.42 0.44
O2' SRA A 7 -2.70 -7.42 0.72
H5' SRA A 7 -6.65 -6.77 -3.13
H5'' SRA A 7 -6.52 -8.20 -2.09
H4' SRA A 7 -4.38 -7.40 -3.28
H3' SRA A 7 -4.70 -8.79 -0.96
H2' SRA A 7 -4.74 -7.01 0.54
H1' SRA A 7 -2.53 -5.51 -0.84
H8 SRA A 7 -6.18 -5.30 0.43
HN61 SRA A 7 -4.64 0.21 2.71
HN62 SRA A 7 -5.91 -0.98 2.57
H2 SRA A 7 -1.08 -1.45 0.53
HO2' SRA A 7 -2.10 -7.90 0.15
P SRA A 10 6.06 -8.85 1.31
OP1 SRA A 10 7.27 -9.80 1.51
S2P SRA A 10 4.12 -9.39 1.96
O5' SRA A 10 6.44 -7.44 1.98
C5' SRA A 10 7.69 -6.80 1.69
C4' SRA A 10 7.66 -5.32 2.08
O4' SRA A 10 6.69 -4.60 1.30
C3' SRA A 10 7.24 -5.13 3.52
O3' SRA A 10 8.37 -5.22 4.41
C2' SRA A 10 6.65 -3.73 3.51
C1' SRA A 10 6.00 -3.65 2.13
N9 SRA A 10 4.56 -3.96 2.20
C8 SRA A 10 3.90 -5.09 1.86
N7 SRA A 10 2.61 -5.10 2.00
C5 SRA A 10 2.38 -3.81 2.51
C6 SRA A 10 1.22 -3.14 2.89
N6 SRA A 10 0.00 -3.69 2.82
N1 SRA A 10 1.35 -1.89 3.35
C2 SRA A 10 2.55 -1.31 3.42
N3 SRA A 10 3.71 -1.85 3.09
C4 SRA A 10 3.56 -3.11 2.63
O2' SRA A 10 7.66 -2.74 3.67
H5' SRA A 10 7.89 -6.89 0.62
H5'' SRA A 10 8.47 -7.31 2.25
H4' SRA A 10 8.65 -4.89 1.91
H3' SRA A 10 6.48 -5.87 3.79
H2' SRA A 10 5.88 -3.65 4.28
H1' SRA A 10 6.14 -2.65 1.72
H8 SRA A 10 4.42 -5.96 1.47
HN61 SRA A 10 -0.81 -3.16 3.10
HN62 SRA A 10 -0.11 -4.63 2.48
H2 SRA A 10 2.58 -0.29 3.80
HO2' SRA A 10 7.61 -2.16 2.91
P SRA A 13 9.15 4.72 11.83
OP1 SRA A 13 10.41 3.99 11.29
S2P SRA A 13 9.01 5.32 13.86
O5' SRA A 13 8.90 6.02 10.91
C5' SRA A 13 8.32 5.91 9.61
C4' SRA A 13 9.25 5.18 8.64
O4' SRA A 13 9.05 3.77 8.69
C3' SRA A 13 8.96 5.60 7.20
O3' SRA A 13 9.89 6.61 6.80
C2' SRA A 13 9.12 4.32 6.39
C1' SRA A 13 8.87 3.20 7.38
N9 SRA A 13 7.52 2.63 7.23
C8 SRA A 13 6.37 2.96 7.85
N7 SRA A 13 5.30 2.30 7.54
C5 SRA A 13 5.80 1.43 6.57
C6 SRA A 13 5.20 0.42 5.80
N6 SRA A 13 3.91 0.12 5.90
N1 SRA A 13 5.98 -0.25 4.95
C2 SRA A 13 7.27 0.03 4.84
N3 SRA A 13 7.95 0.95 5.52
C4 SRA A 13 7.15 1.62 6.37
O2' SRA A 13 10.43 4.23 5.81
H5' SRA A 13 8.10 6.91 9.23
H5'' SRA A 13 7.39 5.36 9.70
H4' SRA A 13 10.28 5.41 8.88
H3' SRA A 13 7.94 5.97 7.12
H2' SRA A 13 8.36 4.29 5.60
H1' SRA A 13 9.61 2.42 7.23
H8 SRA A 13 6.34 3.76 8.61
HN61 SRA A 13 3.51 -0.61 5.32
HN62 SRA A 13 3.31 0.61 6.55
H2 SRA A 13 7.85 -0.56 4.13
HO2' SRA A 13 10.33 3.94 4.91
P SRA A 17 2.40 4.76 -10.44
OP1 SRA A 17 2.74 5.25 -11.87
S2P SRA A 17 2.54 6.05 -8.75
O5' SRA A 17 0.90 4.16 -10.47
C5' SRA A 17 0.50 3.30 -11.54
C4' SRA A 17 -0.79 2.54 -11.19
O4' SRA A 17 -0.66 1.85 -9.94
C3' SRA A 17 -1.96 3.48 -11.01
O3' SRA A 17 -2.59 3.78 -12.27
C2' SRA A 17 -2.88 2.67 -10.11
C1' SRA A 17 -1.90 1.90 -9.22
N9 SRA A 17 -1.73 2.58 -7.91
C8 SRA A 17 -0.81 3.50 -7.53
N7 SRA A 17 -0.89 3.95 -6.32
C5 SRA A 17 -2.00 3.26 -5.83
C6 SRA A 17 -2.65 3.26 -4.59
N6 SRA A 17 -2.26 4.02 -3.57
N1 SRA A 17 -3.72 2.46 -4.45
C2 SRA A 17 -4.12 1.69 -5.47
N3 SRA A 17 -3.58 1.61 -6.68
C4 SRA A 17 -2.51 2.42 -6.80
O2' SRA A 17 -3.70 1.78 -10.86
H5' SRA A 17 1.29 2.58 -11.74
H5'' SRA A 17 0.31 3.89 -12.44
H4' SRA A 17 -1.00 1.81 -11.97
H3' SRA A 17 -1.65 4.39 -10.51
H2' SRA A 17 -3.48 3.34 -9.49
H1' SRA A 17 -2.28 0.90 -9.05
H8 SRA A 17 -0.03 3.84 -8.21
HN61 SRA A 17 -2.76 3.99 -2.69
HN62 SRA A 17 -1.46 4.61 -3.67
H2 SRA A 17 -5.00 1.06 -5.28
HO2' SRA A 17 -4.26 1.31 -10.23
#